data_1C8A
#
_entry.id   1C8A
#
_cell.length_a   1.000
_cell.length_b   1.000
_cell.length_c   1.000
_cell.angle_alpha   90.00
_cell.angle_beta   90.00
_cell.angle_gamma   90.00
#
_symmetry.space_group_name_H-M   'P 1'
#
_entity_poly.entity_id   1
_entity_poly.type   'polypeptide(L)'
_entity_poly.pdbx_seq_one_letter_code
;NKASVVANQLIPINTALTLIMMKAEVVTPMGIPAEEIPNLVGMQVNRAVPLGTTLMPDMVKNYEDGTTSPGLKSVVANQL
IPINTALTLVMMKAEEVSPKGIPSEEISKLVGMQVNRAVYLDQTLMPDMVKNYE
;
_entity_poly.pdbx_strand_id   A
#
# COMPACT_ATOMS: atom_id res chain seq x y z
N ASN A 1 22.18 8.72 6.68
CA ASN A 1 23.29 8.17 7.52
C ASN A 1 23.44 6.66 7.30
N LYS A 2 22.38 5.91 7.50
CA LYS A 2 22.44 4.43 7.30
C LYS A 2 22.10 4.08 5.84
N ALA A 3 22.11 2.81 5.51
CA ALA A 3 21.80 2.39 4.11
C ALA A 3 20.29 2.43 3.86
N SER A 4 19.88 3.00 2.76
CA SER A 4 18.42 3.08 2.44
C SER A 4 18.04 1.98 1.43
N VAL A 5 16.80 1.58 1.42
CA VAL A 5 16.36 0.51 0.46
C VAL A 5 16.16 1.11 -0.93
N VAL A 6 17.11 0.93 -1.81
CA VAL A 6 16.97 1.48 -3.20
C VAL A 6 16.95 0.33 -4.21
N ALA A 7 15.91 0.25 -5.01
CA ALA A 7 15.83 -0.85 -6.02
C ALA A 7 17.00 -0.76 -6.99
N ASN A 8 17.66 -1.86 -7.25
CA ASN A 8 18.82 -1.83 -8.19
C ASN A 8 18.33 -1.92 -9.64
N GLN A 9 17.41 -2.81 -9.93
CA GLN A 9 16.89 -2.94 -11.32
C GLN A 9 15.64 -2.09 -11.51
N LEU A 10 15.08 -2.10 -12.70
CA LEU A 10 13.84 -1.31 -12.97
C LEU A 10 12.61 -2.18 -12.68
N ILE A 11 11.64 -1.64 -11.99
CA ILE A 11 10.41 -2.42 -11.65
C ILE A 11 9.19 -1.86 -12.42
N PRO A 12 8.34 -2.75 -12.86
CA PRO A 12 7.12 -2.33 -13.58
C PRO A 12 6.05 -1.81 -12.61
N ILE A 13 4.82 -1.69 -13.05
CA ILE A 13 3.74 -1.18 -12.14
C ILE A 13 3.11 -2.33 -11.35
N ASN A 14 2.73 -2.08 -10.11
CA ASN A 14 2.10 -3.14 -9.25
C ASN A 14 2.94 -4.43 -9.26
N THR A 15 4.13 -4.36 -8.71
CA THR A 15 5.02 -5.57 -8.71
C THR A 15 5.68 -5.75 -7.33
N ALA A 16 5.56 -6.93 -6.76
CA ALA A 16 6.18 -7.17 -5.41
C ALA A 16 7.71 -7.22 -5.55
N LEU A 17 8.41 -6.41 -4.79
CA LEU A 17 9.90 -6.38 -4.88
C LEU A 17 10.51 -7.65 -4.28
N THR A 18 11.71 -8.00 -4.68
CA THR A 18 12.37 -9.22 -4.12
C THR A 18 13.70 -8.84 -3.45
N LEU A 19 14.40 -9.80 -2.89
CA LEU A 19 15.71 -9.50 -2.22
C LEU A 19 16.73 -9.00 -3.24
N ILE A 20 16.78 -9.62 -4.40
CA ILE A 20 17.76 -9.18 -5.45
C ILE A 20 17.42 -7.76 -5.94
N MET A 21 16.14 -7.45 -6.06
CA MET A 21 15.74 -6.09 -6.52
C MET A 21 15.93 -5.06 -5.41
N MET A 22 15.78 -5.46 -4.17
CA MET A 22 15.95 -4.50 -3.03
C MET A 22 17.43 -4.40 -2.62
N LYS A 23 18.05 -3.27 -2.85
CA LYS A 23 19.48 -3.10 -2.48
C LYS A 23 19.62 -2.10 -1.32
N ALA A 24 20.33 -2.47 -0.28
CA ALA A 24 20.51 -1.54 0.88
C ALA A 24 21.74 -0.66 0.67
N GLU A 25 21.63 0.34 -0.16
CA GLU A 25 22.78 1.26 -0.43
C GLU A 25 22.59 2.58 0.31
N VAL A 26 23.68 3.19 0.76
CA VAL A 26 23.56 4.50 1.48
C VAL A 26 23.54 5.65 0.46
N VAL A 27 22.37 5.95 -0.07
CA VAL A 27 22.27 7.05 -1.09
C VAL A 27 20.99 7.88 -0.87
N THR A 28 20.94 9.05 -1.44
CA THR A 28 19.73 9.92 -1.29
C THR A 28 18.82 9.80 -2.53
N PRO A 29 17.58 10.22 -2.39
CA PRO A 29 17.08 10.80 -1.10
C PRO A 29 16.82 9.68 -0.08
N MET A 30 16.93 9.99 1.18
CA MET A 30 16.70 8.95 2.25
C MET A 30 15.19 8.64 2.37
N GLY A 31 14.72 7.68 1.61
CA GLY A 31 13.28 7.30 1.67
C GLY A 31 13.04 6.38 2.86
N ILE A 32 12.92 5.10 2.61
CA ILE A 32 12.71 4.12 3.73
C ILE A 32 13.96 3.26 3.90
N PRO A 33 14.43 3.16 5.13
CA PRO A 33 15.64 2.35 5.43
C PRO A 33 15.36 0.84 5.31
N ALA A 34 16.34 0.03 5.60
CA ALA A 34 16.15 -1.46 5.50
C ALA A 34 15.70 -2.06 6.85
N GLU A 35 15.10 -1.27 7.71
CA GLU A 35 14.64 -1.81 9.03
C GLU A 35 13.50 -2.81 8.81
N GLU A 36 12.50 -2.43 8.05
CA GLU A 36 11.35 -3.34 7.76
C GLU A 36 11.59 -4.06 6.42
N ILE A 37 12.78 -4.56 6.20
CA ILE A 37 13.09 -5.27 4.93
C ILE A 37 12.07 -6.39 4.63
N PRO A 38 11.76 -7.21 5.62
CA PRO A 38 10.78 -8.31 5.42
C PRO A 38 9.36 -7.75 5.20
N ASN A 39 9.06 -6.59 5.75
CA ASN A 39 7.69 -5.99 5.56
C ASN A 39 7.61 -5.26 4.21
N LEU A 40 8.65 -4.52 3.87
CA LEU A 40 8.66 -3.76 2.58
C LEU A 40 8.81 -4.72 1.38
N VAL A 41 9.54 -5.80 1.54
CA VAL A 41 9.73 -6.75 0.40
C VAL A 41 8.39 -7.23 -0.16
N GLY A 42 8.34 -7.43 -1.44
CA GLY A 42 7.09 -7.90 -2.11
C GLY A 42 6.03 -6.79 -2.13
N MET A 43 6.39 -5.56 -1.85
CA MET A 43 5.38 -4.46 -1.90
C MET A 43 5.05 -4.12 -3.36
N GLN A 44 3.85 -3.66 -3.62
CA GLN A 44 3.47 -3.31 -5.02
C GLN A 44 3.58 -1.80 -5.24
N VAL A 45 4.25 -1.40 -6.29
CA VAL A 45 4.39 0.07 -6.57
C VAL A 45 3.18 0.59 -7.36
N ASN A 46 2.94 1.88 -7.33
CA ASN A 46 1.78 2.45 -8.07
C ASN A 46 2.15 2.77 -9.53
N ARG A 47 3.42 2.85 -9.84
CA ARG A 47 3.84 3.16 -11.25
C ARG A 47 5.15 2.44 -11.59
N ALA A 48 5.72 2.73 -12.73
CA ALA A 48 7.00 2.06 -13.12
C ALA A 48 8.18 2.68 -12.36
N VAL A 49 9.04 1.86 -11.82
CA VAL A 49 10.21 2.37 -11.05
C VAL A 49 11.49 2.21 -11.88
N PRO A 50 12.22 3.29 -12.04
CA PRO A 50 13.48 3.25 -12.83
C PRO A 50 14.58 2.49 -12.08
N LEU A 51 15.79 2.50 -12.58
CA LEU A 51 16.90 1.77 -11.91
C LEU A 51 17.51 2.62 -10.78
N GLY A 52 17.83 1.99 -9.66
CA GLY A 52 18.44 2.73 -8.51
C GLY A 52 17.41 3.67 -7.87
N THR A 53 16.16 3.27 -7.82
CA THR A 53 15.12 4.16 -7.20
C THR A 53 15.01 3.88 -5.70
N THR A 54 15.15 4.89 -4.88
CA THR A 54 15.05 4.67 -3.40
C THR A 54 13.60 4.38 -3.01
N LEU A 55 13.39 3.79 -1.85
CA LEU A 55 11.99 3.46 -1.42
C LEU A 55 11.25 4.75 -1.04
N MET A 56 10.32 5.17 -1.87
CA MET A 56 9.56 6.43 -1.57
C MET A 56 8.16 6.08 -1.04
N PRO A 57 7.78 6.73 0.04
CA PRO A 57 6.45 6.49 0.65
C PRO A 57 5.34 7.10 -0.23
N ASP A 58 5.65 8.12 -0.98
CA ASP A 58 4.60 8.76 -1.87
C ASP A 58 4.30 7.85 -3.08
N MET A 59 5.26 7.07 -3.52
CA MET A 59 5.03 6.17 -4.69
C MET A 59 4.34 4.87 -4.24
N VAL A 60 4.60 4.42 -3.03
CA VAL A 60 3.96 3.16 -2.55
C VAL A 60 2.78 3.47 -1.62
N LYS A 61 1.68 2.79 -1.77
CA LYS A 61 0.49 3.04 -0.88
C LYS A 61 0.79 2.51 0.54
N ASN A 62 0.34 1.32 0.87
CA ASN A 62 0.63 0.76 2.23
C ASN A 62 1.91 -0.08 2.18
N TYR A 63 3.06 0.56 2.32
CA TYR A 63 4.36 -0.20 2.27
C TYR A 63 4.57 -0.99 3.58
N GLU A 64 4.25 -0.42 4.71
CA GLU A 64 4.44 -1.15 6.01
C GLU A 64 3.76 -0.39 7.16
N ASP A 65 3.90 -0.89 8.37
CA ASP A 65 3.29 -0.21 9.54
C ASP A 65 4.25 0.85 10.10
N GLY A 66 4.58 1.84 9.31
CA GLY A 66 5.51 2.91 9.76
C GLY A 66 4.81 3.81 10.80
N THR A 67 3.52 3.96 10.70
CA THR A 67 2.77 4.82 11.66
C THR A 67 2.66 4.12 13.03
N THR A 68 2.79 4.86 14.10
CA THR A 68 2.70 4.25 15.45
C THR A 68 1.25 4.27 15.95
N SER A 69 0.72 5.43 16.24
CA SER A 69 -0.69 5.53 16.73
C SER A 69 -1.66 5.57 15.54
N PRO A 70 -2.75 4.85 15.66
CA PRO A 70 -3.77 4.80 14.58
C PRO A 70 -4.55 6.13 14.52
N GLY A 71 -5.73 6.20 15.10
CA GLY A 71 -6.52 7.46 15.07
C GLY A 71 -7.13 7.64 13.67
N LEU A 72 -6.36 8.15 12.73
CA LEU A 72 -6.88 8.34 11.35
C LEU A 72 -6.64 7.07 10.52
N LYS A 73 -7.13 5.96 11.00
CA LYS A 73 -6.94 4.67 10.26
C LYS A 73 -8.03 4.51 9.18
N SER A 74 -7.64 4.55 7.93
CA SER A 74 -8.62 4.39 6.83
C SER A 74 -8.62 2.93 6.33
N VAL A 75 -9.72 2.47 5.80
CA VAL A 75 -9.79 1.07 5.29
C VAL A 75 -8.91 0.91 4.04
N VAL A 76 -8.10 -0.11 4.00
CA VAL A 76 -7.21 -0.32 2.82
C VAL A 76 -7.36 -1.76 2.31
N ALA A 77 -7.41 -1.93 1.00
CA ALA A 77 -7.54 -3.31 0.44
C ALA A 77 -6.16 -3.99 0.45
N ASN A 78 -5.89 -4.77 1.47
CA ASN A 78 -4.56 -5.45 1.58
C ASN A 78 -4.27 -6.32 0.34
N GLN A 79 -5.25 -7.04 -0.15
CA GLN A 79 -5.03 -7.90 -1.36
C GLN A 79 -5.76 -7.33 -2.58
N LEU A 80 -5.62 -7.97 -3.72
CA LEU A 80 -6.31 -7.48 -4.95
C LEU A 80 -7.74 -8.02 -5.03
N ILE A 81 -8.69 -7.14 -5.23
CA ILE A 81 -10.12 -7.58 -5.33
C ILE A 81 -10.67 -7.17 -6.70
N PRO A 82 -11.27 -8.12 -7.39
CA PRO A 82 -11.82 -7.84 -8.74
C PRO A 82 -13.10 -6.99 -8.64
N ILE A 83 -13.44 -6.30 -9.71
CA ILE A 83 -14.67 -5.43 -9.72
C ILE A 83 -15.90 -6.24 -9.31
N ASN A 84 -16.84 -5.61 -8.63
CA ASN A 84 -18.09 -6.31 -8.19
C ASN A 84 -17.77 -7.58 -7.39
N THR A 85 -17.27 -7.42 -6.20
CA THR A 85 -16.93 -8.60 -5.34
C THR A 85 -17.24 -8.26 -3.87
N ALA A 86 -18.09 -9.03 -3.25
CA ALA A 86 -18.43 -8.77 -1.81
C ALA A 86 -17.20 -8.98 -0.91
N LEU A 87 -16.45 -7.94 -0.68
CA LEU A 87 -15.23 -8.05 0.18
C LEU A 87 -15.58 -7.72 1.63
N THR A 88 -14.98 -8.43 2.58
CA THR A 88 -15.29 -8.16 4.02
C THR A 88 -14.03 -7.73 4.77
N LEU A 89 -14.10 -7.68 6.08
CA LEU A 89 -12.91 -7.25 6.90
C LEU A 89 -11.69 -8.15 6.64
N VAL A 90 -11.88 -9.36 6.17
CA VAL A 90 -10.72 -10.27 5.90
C VAL A 90 -9.73 -9.59 4.94
N MET A 91 -10.21 -9.14 3.80
CA MET A 91 -9.30 -8.46 2.82
C MET A 91 -9.16 -6.96 3.15
N MET A 92 -10.10 -6.40 3.88
CA MET A 92 -10.02 -4.95 4.23
C MET A 92 -9.18 -4.73 5.49
N LYS A 93 -8.18 -3.89 5.42
CA LYS A 93 -7.32 -3.62 6.60
C LYS A 93 -7.36 -2.13 6.95
N ALA A 94 -8.13 -1.76 7.94
CA ALA A 94 -8.22 -0.31 8.32
C ALA A 94 -7.03 0.10 9.18
N GLU A 95 -6.00 0.64 8.56
CA GLU A 95 -4.79 1.07 9.32
C GLU A 95 -4.50 2.56 9.05
N GLU A 96 -3.68 3.17 9.86
CA GLU A 96 -3.36 4.61 9.65
C GLU A 96 -2.45 4.80 8.44
N VAL A 97 -3.02 5.16 7.31
CA VAL A 97 -2.20 5.37 6.08
C VAL A 97 -2.79 6.51 5.23
N SER A 98 -2.02 7.06 4.33
CA SER A 98 -2.53 8.17 3.47
C SER A 98 -2.68 7.68 2.02
N PRO A 99 -3.62 8.27 1.30
CA PRO A 99 -4.47 9.35 1.86
C PRO A 99 -5.60 8.76 2.71
N LYS A 100 -6.38 9.60 3.36
CA LYS A 100 -7.52 9.09 4.20
C LYS A 100 -8.81 9.06 3.37
N GLY A 101 -9.10 7.94 2.75
CA GLY A 101 -10.34 7.83 1.92
C GLY A 101 -11.56 7.60 2.82
N ILE A 102 -11.94 6.36 3.02
CA ILE A 102 -13.10 6.06 3.90
C ILE A 102 -12.62 5.40 5.20
N PRO A 103 -13.03 5.97 6.31
CA PRO A 103 -12.62 5.42 7.64
C PRO A 103 -13.36 4.10 7.93
N SER A 104 -13.00 3.44 9.00
CA SER A 104 -13.67 2.14 9.35
C SER A 104 -14.82 2.38 10.35
N GLU A 105 -15.54 3.47 10.22
CA GLU A 105 -16.68 3.74 11.15
C GLU A 105 -17.95 3.03 10.68
N GLU A 106 -18.16 2.96 9.38
CA GLU A 106 -19.37 2.28 8.84
C GLU A 106 -18.99 0.94 8.19
N ILE A 107 -17.76 0.49 8.38
CA ILE A 107 -17.33 -0.81 7.76
C ILE A 107 -18.20 -1.97 8.28
N SER A 108 -18.62 -1.91 9.53
CA SER A 108 -19.49 -3.01 10.09
C SER A 108 -20.79 -3.15 9.26
N LYS A 109 -21.31 -2.04 8.79
CA LYS A 109 -22.56 -2.09 7.97
C LYS A 109 -22.24 -2.43 6.50
N LEU A 110 -21.04 -2.13 6.06
CA LEU A 110 -20.66 -2.43 4.63
C LEU A 110 -19.83 -3.72 4.54
N VAL A 111 -19.69 -4.47 5.62
CA VAL A 111 -18.88 -5.72 5.56
C VAL A 111 -19.44 -6.67 4.50
N GLY A 112 -18.63 -7.07 3.56
CA GLY A 112 -19.09 -8.00 2.49
C GLY A 112 -19.87 -7.21 1.42
N MET A 113 -19.53 -5.95 1.23
CA MET A 113 -20.23 -5.13 0.19
C MET A 113 -19.58 -5.33 -1.18
N GLN A 114 -20.36 -5.28 -2.23
CA GLN A 114 -19.79 -5.47 -3.60
C GLN A 114 -19.28 -4.13 -4.15
N VAL A 115 -18.03 -4.08 -4.54
CA VAL A 115 -17.47 -2.80 -5.10
C VAL A 115 -17.90 -2.62 -6.56
N ASN A 116 -17.97 -1.40 -7.03
CA ASN A 116 -18.37 -1.16 -8.45
C ASN A 116 -17.14 -0.91 -9.34
N ARG A 117 -15.97 -0.82 -8.75
CA ARG A 117 -14.72 -0.59 -9.55
C ARG A 117 -13.71 -1.69 -9.25
N ALA A 118 -12.65 -1.76 -10.01
CA ALA A 118 -11.62 -2.81 -9.75
C ALA A 118 -10.69 -2.39 -8.61
N VAL A 119 -10.38 -3.31 -7.73
CA VAL A 119 -9.49 -2.98 -6.57
C VAL A 119 -8.13 -3.68 -6.74
N TYR A 120 -7.05 -2.98 -6.43
CA TYR A 120 -5.68 -3.59 -6.57
C TYR A 120 -5.17 -4.04 -5.19
N LEU A 121 -3.86 -4.19 -5.05
CA LEU A 121 -3.27 -4.63 -3.75
C LEU A 121 -3.50 -3.57 -2.65
N ASP A 122 -2.64 -3.52 -1.65
CA ASP A 122 -2.79 -2.52 -0.53
C ASP A 122 -3.11 -1.09 -1.03
N GLN A 123 -4.36 -0.83 -1.28
CA GLN A 123 -4.79 0.51 -1.78
C GLN A 123 -5.78 1.13 -0.78
N THR A 124 -5.78 2.43 -0.64
CA THR A 124 -6.73 3.07 0.31
C THR A 124 -8.15 3.12 -0.30
N LEU A 125 -9.14 2.75 0.47
CA LEU A 125 -10.54 2.76 -0.05
C LEU A 125 -11.05 4.21 -0.10
N MET A 126 -11.66 4.59 -1.20
CA MET A 126 -12.17 5.99 -1.33
C MET A 126 -13.67 5.98 -1.66
N PRO A 127 -14.33 7.06 -1.30
CA PRO A 127 -15.79 7.18 -1.56
C PRO A 127 -16.07 7.36 -3.07
N ASP A 128 -15.12 7.89 -3.81
CA ASP A 128 -15.31 8.09 -5.28
C ASP A 128 -15.29 6.74 -6.01
N MET A 129 -14.59 5.76 -5.47
CA MET A 129 -14.53 4.42 -6.14
C MET A 129 -15.80 3.62 -5.80
N VAL A 130 -16.27 3.69 -4.58
CA VAL A 130 -17.50 2.93 -4.19
C VAL A 130 -18.74 3.79 -4.43
N LYS A 131 -19.58 3.40 -5.35
CA LYS A 131 -20.82 4.20 -5.64
C LYS A 131 -21.94 3.87 -4.65
N ASN A 132 -21.83 2.76 -3.92
CA ASN A 132 -22.88 2.39 -2.94
C ASN A 132 -22.43 2.73 -1.51
N TYR A 133 -21.59 3.72 -1.34
CA TYR A 133 -21.13 4.10 0.03
C TYR A 133 -22.19 4.96 0.73
N GLU A 134 -22.22 4.88 2.04
CA GLU A 134 -23.24 5.67 2.81
C GLU A 134 -22.76 7.12 2.99
#